data_1HZM
#
_entry.id   1HZM
#
_entity_poly.entity_id   1
_entity_poly.type   'polypeptide(L)'
_entity_poly.pdbx_seq_one_letter_code
;MIDTLRPVPFASEMAISKTVAWLNEQLELGNERLLLMDCRPQELYESSHIESAINVAIPGIMLRRLQKGNLPVRALFTRG
EDRDRFTRRCGTDTVVLYDESSSDWNENTGGESLLGLLLKKLKDEGCRAFYLEGGFSKFQAEFSLHCETNLDGS
;
_entity_poly.pdbx_strand_id   A
#
# COMPACT_ATOMS: atom_id res chain seq x y z
N MET A 1 -1.14 3.05 19.05
CA MET A 1 -1.68 2.94 17.70
C MET A 1 -2.45 4.19 17.32
N ILE A 2 -2.89 4.26 16.07
CA ILE A 2 -3.65 5.40 15.59
C ILE A 2 -4.96 4.95 14.93
N ASP A 3 -6.06 5.58 15.33
CA ASP A 3 -7.37 5.25 14.78
C ASP A 3 -7.57 5.90 13.42
N THR A 4 -7.20 5.20 12.36
CA THR A 4 -7.31 5.72 11.01
C THR A 4 -6.40 6.93 10.84
N LEU A 5 -5.18 6.79 11.35
CA LEU A 5 -4.17 7.84 11.26
C LEU A 5 -4.76 9.23 11.52
N ARG A 6 -4.96 9.54 12.80
CA ARG A 6 -5.54 10.81 13.21
C ARG A 6 -4.48 11.86 13.59
N PRO A 7 -3.39 11.46 14.28
CA PRO A 7 -2.36 12.40 14.72
C PRO A 7 -1.74 13.20 13.57
N VAL A 8 -0.65 13.89 13.85
CA VAL A 8 0.02 14.71 12.85
C VAL A 8 1.34 14.07 12.39
N PRO A 9 2.25 13.76 13.34
CA PRO A 9 3.56 13.15 13.02
C PRO A 9 3.40 11.85 12.24
N PHE A 10 4.41 10.99 12.33
CA PHE A 10 4.36 9.70 11.64
C PHE A 10 3.09 8.97 11.99
N ALA A 11 2.81 7.88 11.29
CA ALA A 11 1.61 7.12 11.56
C ALA A 11 0.38 7.99 11.42
N SER A 12 0.52 9.10 10.69
CA SER A 12 -0.58 10.03 10.51
C SER A 12 -0.27 11.03 9.39
N GLU A 13 0.53 10.58 8.42
CA GLU A 13 0.90 11.43 7.30
C GLU A 13 0.67 10.71 5.98
N MET A 14 -0.27 9.77 5.97
CA MET A 14 -0.61 9.02 4.78
C MET A 14 -2.01 9.38 4.29
N ALA A 15 -2.08 10.09 3.18
CA ALA A 15 -3.37 10.50 2.62
C ALA A 15 -3.79 9.60 1.47
N ILE A 16 -3.30 9.91 0.27
CA ILE A 16 -3.65 9.12 -0.90
C ILE A 16 -2.54 8.15 -1.28
N SER A 17 -1.29 8.58 -1.12
CA SER A 17 -0.14 7.74 -1.46
C SER A 17 1.13 8.40 -0.98
N LYS A 18 1.43 8.29 0.31
CA LYS A 18 2.62 8.90 0.85
C LYS A 18 3.67 7.86 1.20
N THR A 19 3.31 6.97 2.13
CA THR A 19 4.21 5.92 2.57
C THR A 19 3.48 4.92 3.47
N VAL A 20 4.23 4.10 4.20
CA VAL A 20 3.65 3.11 5.10
C VAL A 20 4.25 3.24 6.49
N ALA A 21 3.39 3.55 7.46
CA ALA A 21 3.84 3.69 8.84
C ALA A 21 2.69 3.40 9.82
N TRP A 22 3.05 3.02 11.04
CA TRP A 22 2.06 2.71 12.06
C TRP A 22 2.74 2.12 13.30
N LEU A 23 3.89 2.70 13.65
CA LEU A 23 4.65 2.26 14.81
C LEU A 23 5.00 0.77 14.71
N ASN A 24 6.02 0.38 15.46
CA ASN A 24 6.44 -1.01 15.49
C ASN A 24 5.26 -1.92 15.81
N GLU A 25 4.25 -1.35 16.48
CA GLU A 25 3.06 -2.10 16.83
C GLU A 25 2.47 -2.78 15.60
N GLN A 26 2.02 -1.97 14.65
CA GLN A 26 1.44 -2.51 13.42
C GLN A 26 2.48 -3.30 12.63
N LEU A 27 3.62 -2.66 12.38
CA LEU A 27 4.70 -3.31 11.62
C LEU A 27 4.99 -4.72 12.17
N GLU A 28 4.71 -4.91 13.45
CA GLU A 28 4.93 -6.21 14.08
C GLU A 28 3.69 -7.09 13.98
N LEU A 29 2.53 -6.49 14.22
CA LEU A 29 1.25 -7.18 14.16
C LEU A 29 1.21 -8.17 12.98
N GLY A 30 0.94 -7.65 11.79
CA GLY A 30 0.90 -8.49 10.61
C GLY A 30 0.08 -9.75 10.80
N ASN A 31 -1.20 -9.59 11.14
CA ASN A 31 -2.08 -10.73 11.35
C ASN A 31 -3.50 -10.38 10.95
N GLU A 32 -4.21 -9.69 11.83
CA GLU A 32 -5.57 -9.27 11.57
C GLU A 32 -5.79 -7.83 12.04
N ARG A 33 -4.74 -7.03 11.94
CA ARG A 33 -4.78 -5.64 12.38
C ARG A 33 -4.54 -4.67 11.23
N LEU A 34 -4.40 -5.19 10.01
CA LEU A 34 -4.20 -4.36 8.84
C LEU A 34 -4.21 -5.19 7.57
N LEU A 35 -4.18 -4.53 6.41
CA LEU A 35 -4.23 -5.23 5.13
C LEU A 35 -3.49 -4.46 4.04
N LEU A 36 -2.27 -4.90 3.73
CA LEU A 36 -1.46 -4.25 2.69
C LEU A 36 -1.77 -4.85 1.32
N MET A 37 -1.16 -4.28 0.29
CA MET A 37 -1.34 -4.77 -1.07
C MET A 37 -0.03 -4.66 -1.85
N ASP A 38 0.64 -5.79 -2.04
CA ASP A 38 1.91 -5.82 -2.76
C ASP A 38 2.37 -7.24 -3.04
N CYS A 39 3.05 -7.43 -4.18
CA CYS A 39 3.57 -8.74 -4.55
C CYS A 39 2.45 -9.69 -4.97
N ARG A 40 2.73 -10.99 -4.95
CA ARG A 40 1.75 -12.01 -5.33
C ARG A 40 2.35 -13.41 -5.24
N PRO A 41 3.55 -13.64 -5.83
CA PRO A 41 4.20 -14.95 -5.82
C PRO A 41 4.47 -15.47 -4.41
N GLN A 42 5.36 -14.78 -3.69
CA GLN A 42 5.70 -15.17 -2.32
C GLN A 42 4.85 -14.40 -1.32
N GLU A 43 3.57 -14.26 -1.63
CA GLU A 43 2.62 -13.53 -0.79
C GLU A 43 2.90 -13.72 0.71
N LEU A 44 3.40 -14.90 1.07
CA LEU A 44 3.70 -15.21 2.46
C LEU A 44 4.91 -14.43 2.93
N TYR A 45 6.03 -14.62 2.25
CA TYR A 45 7.27 -13.94 2.60
C TYR A 45 7.14 -12.43 2.39
N GLU A 46 6.76 -12.03 1.18
CA GLU A 46 6.59 -10.61 0.87
C GLU A 46 5.67 -9.97 1.91
N SER A 47 4.64 -10.69 2.33
CA SER A 47 3.75 -10.20 3.36
C SER A 47 4.52 -9.98 4.65
N SER A 48 5.48 -10.88 4.90
CA SER A 48 6.33 -10.77 6.09
C SER A 48 7.00 -9.41 6.11
N HIS A 49 7.44 -8.94 4.94
CA HIS A 49 8.08 -7.64 4.83
C HIS A 49 7.25 -6.57 5.52
N ILE A 50 5.94 -6.81 5.60
CA ILE A 50 5.01 -5.88 6.22
C ILE A 50 4.01 -6.64 7.12
N GLU A 51 2.85 -6.06 7.38
CA GLU A 51 1.85 -6.71 8.21
C GLU A 51 1.20 -7.88 7.47
N SER A 52 0.20 -7.59 6.66
CA SER A 52 -0.49 -8.62 5.89
C SER A 52 -0.71 -8.16 4.45
N ALA A 53 0.30 -8.37 3.61
CA ALA A 53 0.24 -7.97 2.21
C ALA A 53 -0.80 -8.78 1.44
N ILE A 54 -1.34 -8.18 0.39
CA ILE A 54 -2.34 -8.86 -0.44
C ILE A 54 -1.73 -9.29 -1.77
N ASN A 55 -2.32 -10.32 -2.36
CA ASN A 55 -1.89 -10.81 -3.66
C ASN A 55 -2.33 -9.84 -4.76
N VAL A 56 -1.48 -8.88 -5.06
CA VAL A 56 -1.79 -7.88 -6.09
C VAL A 56 -1.28 -8.36 -7.45
N ALA A 57 -1.92 -7.88 -8.50
CA ALA A 57 -1.56 -8.30 -9.85
C ALA A 57 -0.75 -7.23 -10.58
N ILE A 58 0.57 -7.35 -10.53
CA ILE A 58 1.46 -6.45 -11.25
C ILE A 58 2.26 -7.24 -12.29
N PRO A 59 3.07 -6.54 -13.10
CA PRO A 59 3.90 -7.19 -14.13
C PRO A 59 4.96 -8.09 -13.51
N GLY A 60 5.94 -7.47 -12.85
CA GLY A 60 6.98 -8.22 -12.18
C GLY A 60 7.10 -7.79 -10.73
N ILE A 61 5.95 -7.64 -10.08
CA ILE A 61 5.92 -7.17 -8.70
C ILE A 61 6.35 -5.71 -8.64
N MET A 62 5.91 -4.92 -9.63
CA MET A 62 6.31 -3.53 -9.71
C MET A 62 7.82 -3.45 -9.86
N LEU A 63 8.35 -4.29 -10.73
CA LEU A 63 9.79 -4.39 -10.91
C LEU A 63 10.43 -5.04 -9.68
N ARG A 64 9.62 -5.82 -8.95
CA ARG A 64 10.09 -6.51 -7.74
C ARG A 64 10.95 -5.60 -6.88
N ARG A 65 10.41 -4.41 -6.60
CA ARG A 65 11.11 -3.41 -5.80
C ARG A 65 10.36 -2.09 -5.92
N LEU A 66 9.75 -1.67 -4.80
CA LEU A 66 9.03 -0.41 -4.77
C LEU A 66 10.00 0.73 -4.98
N GLN A 67 10.44 0.87 -6.22
CA GLN A 67 11.43 1.86 -6.57
C GLN A 67 11.38 2.12 -8.07
N LYS A 68 10.59 3.11 -8.47
CA LYS A 68 10.42 3.40 -9.89
C LYS A 68 9.39 4.50 -10.12
N GLY A 69 8.20 4.29 -9.58
CA GLY A 69 7.12 5.22 -9.81
C GLY A 69 6.86 5.37 -11.30
N ASN A 70 6.24 4.35 -11.88
CA ASN A 70 6.02 4.33 -13.32
C ASN A 70 4.98 3.28 -13.74
N LEU A 71 4.89 2.17 -12.99
CA LEU A 71 3.95 1.08 -13.31
C LEU A 71 2.61 1.63 -13.85
N PRO A 72 2.07 0.98 -14.90
CA PRO A 72 0.84 1.43 -15.57
C PRO A 72 -0.31 1.72 -14.60
N VAL A 73 -1.21 2.60 -15.03
CA VAL A 73 -2.38 2.95 -14.24
C VAL A 73 -3.14 1.70 -13.83
N ARG A 74 -3.66 1.70 -12.60
CA ARG A 74 -4.38 0.54 -12.08
C ARG A 74 -3.54 -0.73 -12.29
N ALA A 75 -2.22 -0.54 -12.34
CA ALA A 75 -1.30 -1.65 -12.57
C ALA A 75 -1.65 -2.88 -11.74
N LEU A 76 -2.12 -2.66 -10.53
CA LEU A 76 -2.49 -3.78 -9.65
C LEU A 76 -3.78 -3.52 -8.91
N PHE A 77 -4.88 -3.86 -9.55
CA PHE A 77 -6.19 -3.66 -8.96
C PHE A 77 -7.31 -4.16 -9.87
N THR A 78 -7.68 -3.33 -10.84
CA THR A 78 -8.74 -3.69 -11.79
C THR A 78 -8.34 -4.90 -12.61
N ARG A 79 -8.43 -6.08 -12.01
CA ARG A 79 -8.09 -7.32 -12.70
C ARG A 79 -8.94 -8.48 -12.19
N GLY A 80 -8.99 -8.64 -10.87
CA GLY A 80 -9.78 -9.71 -10.28
C GLY A 80 -9.18 -10.25 -9.00
N GLU A 81 -8.09 -11.00 -9.13
CA GLU A 81 -7.42 -11.60 -7.97
C GLU A 81 -7.19 -10.56 -6.88
N ASP A 82 -6.73 -9.38 -7.28
CA ASP A 82 -6.46 -8.31 -6.32
C ASP A 82 -7.65 -8.08 -5.40
N ARG A 83 -8.76 -7.63 -5.99
CA ARG A 83 -9.97 -7.38 -5.22
C ARG A 83 -10.40 -8.62 -4.44
N ASP A 84 -10.00 -9.78 -4.94
CA ASP A 84 -10.35 -11.05 -4.30
C ASP A 84 -9.78 -11.13 -2.88
N ARG A 85 -8.46 -11.09 -2.77
CA ARG A 85 -7.80 -11.17 -1.47
C ARG A 85 -8.19 -10.00 -0.58
N PHE A 86 -8.28 -8.81 -1.17
CA PHE A 86 -8.66 -7.62 -0.41
C PHE A 86 -10.05 -7.76 0.18
N THR A 87 -11.06 -7.82 -0.70
CA THR A 87 -12.44 -7.98 -0.24
C THR A 87 -12.56 -9.16 0.73
N ARG A 88 -11.63 -10.11 0.61
CA ARG A 88 -11.63 -11.28 1.48
C ARG A 88 -11.09 -10.92 2.86
N ARG A 89 -10.02 -10.13 2.89
CA ARG A 89 -9.43 -9.70 4.16
C ARG A 89 -9.69 -8.22 4.40
N CYS A 90 -10.79 -7.71 3.85
CA CYS A 90 -11.14 -6.31 4.00
C CYS A 90 -11.88 -6.07 5.31
N GLY A 91 -11.65 -4.91 5.91
CA GLY A 91 -12.30 -4.58 7.16
C GLY A 91 -11.45 -4.94 8.38
N THR A 92 -10.18 -5.26 8.15
CA THR A 92 -9.28 -5.63 9.22
C THR A 92 -8.99 -4.43 10.13
N ASP A 93 -8.50 -3.35 9.53
CA ASP A 93 -8.18 -2.15 10.27
C ASP A 93 -7.79 -0.99 9.34
N THR A 94 -6.77 -1.22 8.52
CA THR A 94 -6.30 -0.21 7.59
C THR A 94 -5.76 -0.87 6.32
N VAL A 95 -6.04 -0.25 5.18
CA VAL A 95 -5.58 -0.78 3.90
C VAL A 95 -4.56 0.15 3.24
N VAL A 96 -3.44 -0.41 2.82
CA VAL A 96 -2.38 0.37 2.18
C VAL A 96 -1.78 -0.39 1.00
N LEU A 97 -1.57 0.33 -0.12
CA LEU A 97 -0.98 -0.30 -1.31
C LEU A 97 0.41 0.24 -1.57
N TYR A 98 1.13 -0.41 -2.48
CA TYR A 98 2.48 0.01 -2.83
C TYR A 98 2.64 0.32 -4.32
N ASP A 99 1.78 1.19 -4.83
CA ASP A 99 1.84 1.57 -6.24
C ASP A 99 2.96 2.58 -6.48
N GLU A 100 3.36 3.30 -5.42
CA GLU A 100 4.46 4.27 -5.50
C GLU A 100 4.02 5.56 -6.18
N SER A 101 4.89 6.56 -6.11
CA SER A 101 4.64 7.86 -6.71
C SER A 101 4.55 7.75 -8.23
N SER A 102 3.47 8.30 -8.78
CA SER A 102 3.26 8.28 -10.24
C SER A 102 3.35 6.85 -10.78
N SER A 103 2.24 6.12 -10.70
CA SER A 103 2.19 4.74 -11.19
C SER A 103 0.74 4.32 -11.45
N ASP A 104 0.06 3.89 -10.39
CA ASP A 104 -1.33 3.47 -10.50
C ASP A 104 -2.27 4.67 -10.42
N TRP A 105 -1.77 5.78 -9.88
CA TRP A 105 -2.57 7.00 -9.74
C TRP A 105 -2.03 8.13 -10.63
N ASN A 106 -0.83 7.94 -11.19
CA ASN A 106 -0.24 8.93 -12.08
C ASN A 106 0.14 10.21 -11.36
N GLU A 107 0.09 10.19 -10.03
CA GLU A 107 0.44 11.38 -9.24
C GLU A 107 -0.55 12.51 -9.50
N ASN A 108 -1.73 12.40 -8.88
CA ASN A 108 -2.76 13.42 -9.03
C ASN A 108 -3.08 14.08 -7.69
N THR A 109 -3.28 13.25 -6.67
CA THR A 109 -3.60 13.75 -5.33
C THR A 109 -4.77 14.73 -5.38
N GLY A 110 -5.64 14.55 -6.36
CA GLY A 110 -6.79 15.43 -6.49
C GLY A 110 -8.11 14.67 -6.59
N GLY A 111 -8.10 13.59 -7.36
CA GLY A 111 -9.31 12.79 -7.52
C GLY A 111 -9.51 12.35 -8.95
N GLU A 112 -8.54 11.62 -9.49
CA GLU A 112 -8.62 11.13 -10.87
C GLU A 112 -9.86 10.27 -11.07
N SER A 113 -9.84 9.46 -12.13
CA SER A 113 -10.97 8.59 -12.44
C SER A 113 -10.67 7.15 -12.06
N LEU A 114 -9.63 6.58 -12.67
CA LEU A 114 -9.25 5.19 -12.41
C LEU A 114 -9.02 4.96 -10.91
N LEU A 115 -7.81 5.25 -10.44
CA LEU A 115 -7.49 5.08 -9.03
C LEU A 115 -8.38 5.96 -8.17
N GLY A 116 -8.90 7.04 -8.74
CA GLY A 116 -9.77 7.92 -8.01
C GLY A 116 -11.00 7.20 -7.50
N LEU A 117 -11.55 6.33 -8.32
CA LEU A 117 -12.72 5.55 -7.95
C LEU A 117 -12.32 4.33 -7.14
N LEU A 118 -11.14 3.78 -7.43
CA LEU A 118 -10.64 2.63 -6.71
C LEU A 118 -10.44 2.96 -5.24
N LEU A 119 -9.84 4.12 -4.97
CA LEU A 119 -9.63 4.58 -3.62
C LEU A 119 -10.96 4.97 -2.98
N LYS A 120 -11.72 5.81 -3.69
CA LYS A 120 -13.02 6.27 -3.20
C LYS A 120 -13.87 5.10 -2.72
N LYS A 121 -13.81 3.99 -3.45
CA LYS A 121 -14.57 2.80 -3.09
C LYS A 121 -13.98 2.14 -1.85
N LEU A 122 -12.66 2.05 -1.82
CA LEU A 122 -11.96 1.44 -0.69
C LEU A 122 -12.28 2.18 0.60
N LYS A 123 -12.44 3.49 0.52
CA LYS A 123 -12.75 4.31 1.68
C LYS A 123 -14.26 4.31 1.94
N ASP A 124 -15.05 4.31 0.87
CA ASP A 124 -16.50 4.30 1.00
C ASP A 124 -16.96 3.17 1.92
N GLU A 125 -16.40 1.98 1.72
CA GLU A 125 -16.74 0.83 2.54
C GLU A 125 -16.42 1.08 4.00
N GLY A 126 -15.47 1.98 4.24
CA GLY A 126 -15.08 2.29 5.61
C GLY A 126 -13.60 2.07 5.86
N CYS A 127 -12.77 2.89 5.21
CA CYS A 127 -11.33 2.78 5.36
C CYS A 127 -10.64 4.05 4.91
N ARG A 128 -9.35 4.17 5.22
CA ARG A 128 -8.57 5.34 4.83
C ARG A 128 -7.94 5.14 3.46
N ALA A 129 -7.39 3.94 3.24
CA ALA A 129 -6.77 3.60 1.96
C ALA A 129 -5.71 4.62 1.56
N PHE A 130 -4.45 4.21 1.67
CA PHE A 130 -3.33 5.07 1.28
C PHE A 130 -2.18 4.22 0.77
N TYR A 131 -1.52 4.69 -0.30
CA TYR A 131 -0.42 3.94 -0.88
C TYR A 131 0.92 4.56 -0.52
N LEU A 132 1.98 4.01 -1.08
CA LEU A 132 3.33 4.53 -0.86
C LEU A 132 3.66 5.60 -1.89
N GLU A 133 4.88 6.09 -1.87
CA GLU A 133 5.30 7.13 -2.82
C GLU A 133 6.76 7.50 -2.61
N GLY A 134 7.03 8.34 -1.63
CA GLY A 134 8.38 8.77 -1.35
C GLY A 134 8.49 10.28 -1.23
N GLY A 135 7.63 10.86 -0.39
CA GLY A 135 7.64 12.31 -0.21
C GLY A 135 8.39 12.76 1.02
N PHE A 136 9.27 13.73 0.83
CA PHE A 136 10.06 14.28 1.92
C PHE A 136 10.84 13.20 2.65
N SER A 137 11.84 13.62 3.42
CA SER A 137 12.65 12.68 4.19
C SER A 137 11.79 11.85 5.13
N LYS A 138 10.57 12.32 5.40
CA LYS A 138 9.66 11.63 6.30
C LYS A 138 9.06 10.37 5.68
N PHE A 139 8.23 10.54 4.66
CA PHE A 139 7.57 9.41 4.02
C PHE A 139 8.59 8.43 3.45
N GLN A 140 9.70 8.95 2.94
CA GLN A 140 10.75 8.10 2.41
C GLN A 140 11.51 7.41 3.54
N ALA A 141 11.66 8.10 4.66
CA ALA A 141 12.34 7.51 5.81
C ALA A 141 11.62 6.25 6.26
N GLU A 142 10.30 6.27 6.15
CA GLU A 142 9.48 5.13 6.53
C GLU A 142 9.65 3.97 5.54
N PHE A 143 9.24 4.21 4.30
CA PHE A 143 9.37 3.19 3.25
C PHE A 143 10.03 3.78 2.01
N SER A 144 11.26 4.21 2.18
CA SER A 144 12.01 4.79 1.07
C SER A 144 12.07 3.83 -0.09
N LEU A 145 12.94 4.13 -1.05
CA LEU A 145 13.11 3.30 -2.22
C LEU A 145 13.42 1.85 -1.82
N HIS A 146 12.39 1.04 -1.63
CA HIS A 146 12.58 -0.37 -1.28
C HIS A 146 11.26 -1.08 -0.97
N CYS A 147 10.85 -1.09 0.30
CA CYS A 147 9.63 -1.76 0.72
C CYS A 147 9.64 -3.23 0.29
N GLU A 148 10.60 -3.99 0.81
CA GLU A 148 10.72 -5.41 0.47
C GLU A 148 11.58 -6.15 1.50
N THR A 149 11.46 -7.48 1.53
CA THR A 149 12.23 -8.28 2.46
C THR A 149 12.66 -9.60 1.83
N ASN A 150 11.71 -10.28 1.17
CA ASN A 150 12.01 -11.53 0.49
C ASN A 150 11.99 -11.36 -1.03
N LEU A 151 12.14 -10.11 -1.47
CA LEU A 151 12.15 -9.80 -2.88
C LEU A 151 13.46 -9.14 -3.27
N ASP A 152 13.94 -8.25 -2.41
CA ASP A 152 15.20 -7.55 -2.64
C ASP A 152 16.12 -7.68 -1.42
N GLY A 153 15.55 -7.58 -0.23
CA GLY A 153 16.35 -7.68 0.99
C GLY A 153 17.29 -6.51 1.17
N SER A 154 18.57 -6.81 1.29
CA SER A 154 19.58 -5.77 1.47
C SER A 154 20.49 -5.67 0.25
#